data_6HTY
#
_entry.id   6HTY
#
_cell.length_a   85.417
_cell.length_b   88.616
_cell.length_c   104.929
_cell.angle_alpha   90.00
_cell.angle_beta   90.00
_cell.angle_gamma   90.00
#
_symmetry.space_group_name_H-M   'P 21 21 21'
#
loop_
_entity.id
_entity.type
_entity.pdbx_description
1 polymer 'Nuclear receptor subfamily 1 group I member 2,Nuclear receptor coactivator 1'
2 non-polymer GLYCEROL
3 non-polymer 'DIMETHYL SULFOXIDE'
4 non-polymer (2~{R})-~{N}-[4-(3-chloranylphenoxy)-3-sulfamoyl-phenyl]-2-phenyl-propanamide
5 water water
#
_entity_poly.entity_id   1
_entity_poly.type   'polypeptide(L)'
_entity_poly.pdbx_seq_one_letter_code
;MKKGHHHHHHGSERTGTQPLGVQGLTEEQRMMIRELMDAQMKTFDTTFSHFKNFRLPGVLSSGCELPESLQAPSREEAAK
WSQVRKDLCSLKVSLQLRGEDGSVWNYKPPADSGGKEIFSLLPHMADMSTYMFKGIISFAKVISYFRDLPIEDQISLLKG
AAFELCQLRFNTVFNAETGTWECGRLSYCLEDTAGGFQQLLLEPMLKFHYMLKKLQLHEEEYVLMQAISLFSPDRPGVLQ
HRVVDQLQEQFAITLKSYIECNRPQPAHRFLFLKIMAMLTELRSINAQHTQRLLRIQDIHPFATPLMQELFGITGSGGSG
GSSHSSLTERHKILHRLLQEGSPS
;
_entity_poly.pdbx_strand_id   A,B
#
loop_
_chem_comp.id
_chem_comp.type
_chem_comp.name
_chem_comp.formula
DMS non-polymer 'DIMETHYL SULFOXIDE' 'C2 H6 O S'
GOL non-polymer GLYCEROL 'C3 H8 O3'
GRH non-polymer (2~{R})-~{N}-[4-(3-chloranylphenoxy)-3-sulfamoyl-phenyl]-2-phenyl-propanamide 'C21 H19 Cl N2 O4 S'
#
# COMPACT_ATOMS: atom_id res chain seq x y z
N GLY A 24 6.58 -6.41 52.57
CA GLY A 24 5.33 -6.24 51.77
C GLY A 24 4.93 -4.79 51.57
N LEU A 25 3.89 -4.60 50.77
CA LEU A 25 3.24 -3.29 50.58
C LEU A 25 2.13 -3.18 51.62
N THR A 26 1.73 -1.96 51.94
CA THR A 26 0.54 -1.77 52.79
C THR A 26 -0.72 -2.17 51.99
N GLU A 27 -1.84 -2.30 52.69
CA GLU A 27 -3.10 -2.61 52.02
C GLU A 27 -3.51 -1.47 51.09
N GLU A 28 -3.23 -0.23 51.53
CA GLU A 28 -3.50 0.99 50.76
C GLU A 28 -2.69 0.98 49.46
N GLN A 29 -1.44 0.55 49.55
CA GLN A 29 -0.58 0.48 48.36
C GLN A 29 -1.04 -0.60 47.38
N ARG A 30 -1.44 -1.75 47.92
CA ARG A 30 -1.95 -2.85 47.11
C ARG A 30 -3.22 -2.46 46.36
N MET A 31 -4.10 -1.75 47.07
CA MET A 31 -5.35 -1.27 46.52
C MET A 31 -5.09 -0.28 45.38
N MET A 32 -4.09 0.56 45.58
CA MET A 32 -3.72 1.60 44.62
C MET A 32 -3.22 0.94 43.32
N ILE A 33 -2.36 -0.07 43.47
CA ILE A 33 -1.86 -0.82 42.31
C ILE A 33 -3.01 -1.55 41.61
N ARG A 34 -3.89 -2.20 42.38
CA ARG A 34 -5.08 -2.91 41.79
C ARG A 34 -5.96 -1.98 40.94
N GLU A 35 -6.24 -0.78 41.46
CA GLU A 35 -7.04 0.19 40.72
C GLU A 35 -6.36 0.67 39.43
N LEU A 36 -5.07 0.98 39.49
CA LEU A 36 -4.34 1.37 38.28
C LEU A 36 -4.31 0.24 37.21
N MET A 37 -4.10 -1.00 37.64
CA MET A 37 -4.02 -2.14 36.73
C MET A 37 -5.39 -2.43 36.13
N ASP A 38 -6.43 -2.30 36.94
CA ASP A 38 -7.82 -2.39 36.51
C ASP A 38 -8.06 -1.40 35.39
N ALA A 39 -7.66 -0.15 35.65
CA ALA A 39 -7.85 0.94 34.69
C ALA A 39 -7.09 0.68 33.39
N GLN A 40 -5.85 0.24 33.55
CA GLN A 40 -5.03 -0.10 32.38
C GLN A 40 -5.70 -1.21 31.56
N MET A 41 -6.20 -2.23 32.24
CA MET A 41 -6.83 -3.38 31.59
C MET A 41 -8.08 -2.95 30.83
N LYS A 42 -8.91 -2.11 31.43
CA LYS A 42 -10.13 -1.69 30.76
C LYS A 42 -9.90 -0.73 29.59
N THR A 43 -8.77 -0.04 29.52
CA THR A 43 -8.63 1.09 28.58
C THR A 43 -7.43 1.07 27.65
N PHE A 44 -6.54 0.08 27.79
CA PHE A 44 -5.43 -0.09 26.88
C PHE A 44 -5.71 -1.27 25.95
N ASP A 45 -6.06 -0.95 24.70
CA ASP A 45 -6.31 -1.92 23.65
C ASP A 45 -4.93 -2.40 23.13
N THR A 46 -4.33 -3.37 23.82
CA THR A 46 -2.93 -3.72 23.55
C THR A 46 -2.67 -4.33 22.16
N THR A 47 -3.72 -4.91 21.58
CA THR A 47 -3.67 -5.49 20.23
C THR A 47 -4.22 -4.56 19.16
N PHE A 48 -4.63 -3.36 19.54
CA PHE A 48 -5.18 -2.36 18.63
C PHE A 48 -6.36 -2.88 17.78
N SER A 49 -7.14 -3.80 18.35
N SER A 49 -7.14 -3.80 18.35
CA SER A 49 -8.28 -4.42 17.69
CA SER A 49 -8.27 -4.42 17.67
C SER A 49 -9.37 -3.44 17.29
C SER A 49 -9.37 -3.44 17.29
N HIS A 50 -9.55 -2.37 18.04
CA HIS A 50 -10.60 -1.40 17.77
C HIS A 50 -10.11 -0.16 17.05
N PHE A 51 -8.85 -0.13 16.66
CA PHE A 51 -8.33 0.98 15.85
C PHE A 51 -8.64 0.65 14.37
N LYS A 52 -9.71 1.24 13.86
CA LYS A 52 -10.21 1.04 12.50
C LYS A 52 -10.55 2.40 11.84
N ASN A 53 -10.83 2.35 10.54
CA ASN A 53 -11.25 3.55 9.77
C ASN A 53 -10.25 4.72 9.80
N PHE A 54 -8.97 4.39 9.90
CA PHE A 54 -7.88 5.38 9.89
C PHE A 54 -7.45 5.69 8.46
N ARG A 55 -6.97 6.91 8.24
CA ARG A 55 -6.41 7.29 6.94
C ARG A 55 -5.01 6.70 6.74
N LEU A 56 -4.63 6.59 5.48
CA LEU A 56 -3.34 6.03 5.06
C LEU A 56 -2.76 6.89 3.97
N PRO A 57 -1.43 6.90 3.83
CA PRO A 57 -0.89 7.63 2.70
C PRO A 57 -1.49 7.15 1.38
N GLY A 58 -1.82 8.10 0.50
CA GLY A 58 -2.54 7.79 -0.73
C GLY A 58 -1.78 6.91 -1.70
N VAL A 59 -2.51 6.40 -2.70
CA VAL A 59 -1.97 5.51 -3.72
C VAL A 59 -1.20 6.24 -4.85
N SER A 74 6.11 33.44 1.86
CA SER A 74 6.82 33.29 0.60
C SER A 74 8.32 33.64 0.69
N ARG A 75 8.82 33.99 1.88
CA ARG A 75 10.26 34.10 2.14
C ARG A 75 10.61 33.71 3.60
N GLU A 76 10.01 34.39 4.58
CA GLU A 76 10.11 33.97 5.99
C GLU A 76 9.38 32.63 6.24
N GLU A 77 8.51 32.25 5.30
CA GLU A 77 7.91 30.91 5.26
C GLU A 77 8.92 29.85 4.84
N ALA A 78 9.87 30.19 3.96
CA ALA A 78 11.02 29.31 3.66
C ALA A 78 11.79 28.87 4.94
N ALA A 79 11.88 29.77 5.92
CA ALA A 79 12.51 29.48 7.22
C ALA A 79 11.63 28.58 8.10
N LYS A 80 10.33 28.82 8.09
CA LYS A 80 9.33 27.94 8.75
C LYS A 80 9.35 26.54 8.15
N TRP A 81 9.24 26.47 6.81
CA TRP A 81 9.30 25.22 6.05
C TRP A 81 10.61 24.46 6.26
N SER A 82 11.73 25.18 6.20
CA SER A 82 13.04 24.58 6.48
C SER A 82 13.15 24.06 7.92
N GLN A 83 12.53 24.76 8.87
CA GLN A 83 12.44 24.27 10.26
C GLN A 83 11.50 23.04 10.38
N VAL A 84 10.35 23.13 9.73
CA VAL A 84 9.40 21.98 9.71
C VAL A 84 10.01 20.76 8.99
N ARG A 85 10.83 21.02 7.96
CA ARG A 85 11.61 19.97 7.29
C ARG A 85 12.51 19.22 8.29
N LYS A 86 13.17 19.98 9.17
CA LYS A 86 13.97 19.39 10.25
C LYS A 86 13.10 18.68 11.30
N ASP A 87 11.96 19.26 11.62
CA ASP A 87 11.04 18.68 12.63
C ASP A 87 10.45 17.32 12.25
N LEU A 88 10.33 17.05 10.95
CA LEU A 88 9.72 15.80 10.45
C LEU A 88 10.76 14.73 10.16
N CYS A 89 11.80 15.08 9.38
CA CYS A 89 12.77 14.10 8.86
C CYS A 89 13.73 13.48 9.91
N SER A 90 13.51 13.78 11.19
CA SER A 90 14.07 13.00 12.29
C SER A 90 13.29 11.69 12.52
N LEU A 91 11.96 11.75 12.51
CA LEU A 91 11.10 10.59 12.78
C LEU A 91 10.49 9.87 11.56
N LYS A 92 11.33 9.15 10.81
CA LYS A 92 10.89 8.45 9.60
C LYS A 92 10.65 6.95 9.82
N VAL A 93 9.42 6.50 9.52
CA VAL A 93 9.02 5.09 9.67
C VAL A 93 8.33 4.56 8.42
N SER A 94 8.62 3.29 8.11
CA SER A 94 7.81 2.53 7.18
C SER A 94 6.60 1.95 7.94
N LEU A 95 5.54 1.67 7.20
CA LEU A 95 4.31 1.20 7.80
C LEU A 95 3.96 -0.15 7.17
N GLN A 96 3.63 -1.12 8.01
CA GLN A 96 3.24 -2.46 7.56
C GLN A 96 1.81 -2.79 8.05
N LEU A 97 0.99 -3.31 7.12
CA LEU A 97 -0.36 -3.74 7.42
C LEU A 97 -0.50 -5.20 7.05
N ARG A 98 -0.66 -6.04 8.06
CA ARG A 98 -0.83 -7.48 7.86
C ARG A 98 -2.30 -7.75 7.73
N GLY A 99 -2.70 -8.52 6.73
CA GLY A 99 -4.12 -8.89 6.56
C GLY A 99 -4.46 -10.14 7.36
N GLU A 100 -5.74 -10.21 7.76
CA GLU A 100 -6.38 -11.45 8.26
C GLU A 100 -5.96 -12.67 7.42
N ASP A 101 -5.98 -12.52 6.09
CA ASP A 101 -5.69 -13.62 5.16
C ASP A 101 -4.22 -14.02 4.99
N GLY A 102 -3.28 -13.30 5.61
CA GLY A 102 -1.83 -13.59 5.48
C GLY A 102 -1.05 -12.60 4.61
N SER A 103 -1.77 -11.77 3.83
CA SER A 103 -1.14 -10.81 2.91
C SER A 103 -0.51 -9.66 3.67
N VAL A 104 0.45 -8.99 3.04
CA VAL A 104 1.11 -7.85 3.67
C VAL A 104 1.15 -6.66 2.72
N TRP A 105 0.71 -5.50 3.19
CA TRP A 105 0.94 -4.23 2.53
C TRP A 105 2.07 -3.53 3.29
N ASN A 106 3.10 -3.10 2.56
CA ASN A 106 4.19 -2.32 3.10
C ASN A 106 4.22 -0.93 2.42
N TYR A 107 4.28 0.13 3.23
CA TYR A 107 4.43 1.51 2.78
C TYR A 107 5.82 2.04 3.11
N LYS A 108 6.62 2.31 2.08
CA LYS A 108 7.90 3.00 2.23
C LYS A 108 7.71 4.47 1.88
N PRO A 109 8.05 5.40 2.81
CA PRO A 109 7.75 6.82 2.59
C PRO A 109 8.77 7.47 1.65
N PRO A 110 8.36 8.58 1.01
CA PRO A 110 9.17 9.12 -0.05
C PRO A 110 10.42 9.82 0.47
N ALA A 111 11.42 9.93 -0.38
CA ALA A 111 12.53 10.85 -0.15
C ALA A 111 11.99 12.29 -0.17
N ASP A 112 12.63 13.16 0.63
CA ASP A 112 12.31 14.59 0.61
C ASP A 112 12.79 15.21 -0.71
N SER A 113 11.88 15.30 -1.68
CA SER A 113 12.10 16.02 -2.94
C SER A 113 11.91 17.54 -2.78
N GLY A 114 11.41 17.99 -1.62
CA GLY A 114 11.25 19.40 -1.30
C GLY A 114 9.85 19.90 -1.58
N GLY A 115 8.86 19.28 -0.95
CA GLY A 115 7.44 19.62 -1.20
C GLY A 115 6.51 19.04 -0.15
N LYS A 116 5.24 18.90 -0.52
CA LYS A 116 4.20 18.37 0.37
C LYS A 116 4.41 16.92 0.84
N GLU A 117 5.09 16.12 0.04
CA GLU A 117 5.33 14.69 0.33
C GLU A 117 5.80 14.34 1.74
N ILE A 118 6.60 15.21 2.36
CA ILE A 118 6.96 15.06 3.80
C ILE A 118 5.78 15.01 4.79
N PHE A 119 4.62 15.50 4.37
CA PHE A 119 3.41 15.50 5.16
C PHE A 119 2.54 14.23 5.02
N SER A 120 2.94 13.29 4.16
CA SER A 120 2.06 12.20 3.71
C SER A 120 1.60 11.27 4.84
N LEU A 121 2.42 11.13 5.87
CA LEU A 121 2.04 10.31 7.01
C LEU A 121 1.28 11.05 8.12
N LEU A 122 1.05 12.35 7.99
CA LEU A 122 0.44 13.13 9.09
C LEU A 122 -1.01 12.76 9.41
N PRO A 123 -1.87 12.63 8.37
CA PRO A 123 -3.24 12.21 8.65
C PRO A 123 -3.32 10.89 9.39
N HIS A 124 -2.52 9.92 8.96
CA HIS A 124 -2.45 8.65 9.65
C HIS A 124 -1.99 8.79 11.08
N MET A 125 -0.95 9.56 11.30
CA MET A 125 -0.42 9.75 12.66
C MET A 125 -1.39 10.48 13.56
N ALA A 126 -2.15 11.41 13.00
CA ALA A 126 -3.19 12.12 13.75
C ALA A 126 -4.30 11.16 14.17
N ASP A 127 -4.70 10.27 13.25
CA ASP A 127 -5.66 9.24 13.60
C ASP A 127 -5.16 8.30 14.69
N MET A 128 -3.91 7.88 14.60
CA MET A 128 -3.38 6.97 15.61
C MET A 128 -3.24 7.67 16.99
N SER A 129 -2.73 8.89 16.97
CA SER A 129 -2.58 9.69 18.18
C SER A 129 -3.91 9.91 18.86
N THR A 130 -4.89 10.30 18.08
CA THR A 130 -6.21 10.60 18.61
C THR A 130 -6.80 9.34 19.26
N TYR A 131 -6.64 8.19 18.60
CA TYR A 131 -7.05 6.92 19.18
C TYR A 131 -6.36 6.66 20.50
N MET A 132 -5.04 6.86 20.57
CA MET A 132 -4.31 6.58 21.81
C MET A 132 -4.78 7.54 22.91
N PHE A 133 -5.03 8.79 22.54
CA PHE A 133 -5.43 9.81 23.52
C PHE A 133 -6.75 9.48 24.18
N LYS A 134 -7.70 9.00 23.37
CA LYS A 134 -8.99 8.54 23.89
C LYS A 134 -8.86 7.45 24.95
N GLY A 135 -7.95 6.51 24.70
CA GLY A 135 -7.65 5.47 25.70
C GLY A 135 -7.05 6.01 26.99
N ILE A 136 -6.18 7.01 26.87
CA ILE A 136 -5.57 7.67 28.04
C ILE A 136 -6.56 8.48 28.83
N ILE A 137 -7.46 9.16 28.13
CA ILE A 137 -8.57 9.84 28.79
C ILE A 137 -9.41 8.83 29.56
N SER A 138 -9.76 7.72 28.90
CA SER A 138 -10.53 6.68 29.60
C SER A 138 -9.79 6.12 30.82
N PHE A 139 -8.48 5.97 30.69
CA PHE A 139 -7.63 5.53 31.79
C PHE A 139 -7.79 6.42 33.00
N ALA A 140 -7.63 7.72 32.78
CA ALA A 140 -7.67 8.67 33.88
C ALA A 140 -9.05 8.66 34.57
N LYS A 141 -10.10 8.62 33.75
CA LYS A 141 -11.50 8.59 34.24
C LYS A 141 -11.88 7.47 35.18
N VAL A 142 -11.27 6.28 35.06
CA VAL A 142 -11.64 5.18 35.97
C VAL A 142 -10.92 5.28 37.31
N ILE A 143 -9.89 6.12 37.41
CA ILE A 143 -9.14 6.22 38.64
C ILE A 143 -9.88 7.17 39.61
N SER A 144 -10.29 6.63 40.75
CA SER A 144 -11.00 7.39 41.78
C SER A 144 -10.34 8.73 42.13
N TYR A 145 -9.04 8.71 42.36
CA TYR A 145 -8.28 9.93 42.74
C TYR A 145 -8.34 11.02 41.67
N PHE A 146 -8.44 10.64 40.41
CA PHE A 146 -8.53 11.60 39.32
C PHE A 146 -9.93 12.18 39.17
N ARG A 147 -10.95 11.33 39.20
CA ARG A 147 -12.38 11.74 39.13
C ARG A 147 -12.80 12.71 40.22
N ASP A 148 -12.24 12.53 41.42
CA ASP A 148 -12.53 13.40 42.57
C ASP A 148 -11.93 14.79 42.46
N LEU A 149 -10.97 15.02 41.56
CA LEU A 149 -10.45 16.37 41.31
C LEU A 149 -11.49 17.23 40.60
N PRO A 150 -11.37 18.57 40.71
CA PRO A 150 -12.29 19.40 39.94
C PRO A 150 -12.05 19.21 38.44
N ILE A 151 -13.10 19.40 37.66
CA ILE A 151 -13.09 19.13 36.22
C ILE A 151 -11.97 19.89 35.48
N GLU A 152 -11.76 21.15 35.87
CA GLU A 152 -10.75 21.97 35.21
C GLU A 152 -9.35 21.42 35.46
N ASP A 153 -9.13 20.87 36.66
CA ASP A 153 -7.87 20.19 36.95
C ASP A 153 -7.72 18.88 36.20
N GLN A 154 -8.81 18.14 36.04
CA GLN A 154 -8.77 16.93 35.23
C GLN A 154 -8.35 17.28 33.79
N ILE A 155 -8.89 18.37 33.26
CA ILE A 155 -8.52 18.86 31.92
C ILE A 155 -7.04 19.25 31.86
N SER A 156 -6.60 20.03 32.84
CA SER A 156 -5.23 20.54 32.89
C SER A 156 -4.20 19.42 32.97
N LEU A 157 -4.49 18.40 33.76
CA LEU A 157 -3.59 17.27 33.90
C LEU A 157 -3.50 16.46 32.61
N LEU A 158 -4.64 16.24 31.97
CA LEU A 158 -4.68 15.49 30.72
C LEU A 158 -3.99 16.23 29.57
N LYS A 159 -4.22 17.54 29.45
CA LYS A 159 -3.44 18.37 28.52
C LYS A 159 -1.95 18.24 28.77
N GLY A 160 -1.56 18.21 30.03
CA GLY A 160 -0.16 18.14 30.41
C GLY A 160 0.50 16.79 30.16
N ALA A 161 -0.25 15.69 30.33
CA ALA A 161 0.28 14.33 30.36
C ALA A 161 -0.05 13.44 29.16
N ALA A 162 -0.99 13.83 28.31
CA ALA A 162 -1.49 12.98 27.20
C ALA A 162 -0.37 12.37 26.34
N PHE A 163 0.52 13.21 25.82
CA PHE A 163 1.67 12.75 25.06
C PHE A 163 2.56 11.74 25.84
N GLU A 164 2.82 12.08 27.11
CA GLU A 164 3.67 11.27 27.96
C GLU A 164 3.09 9.89 28.18
N LEU A 165 1.81 9.83 28.53
CA LEU A 165 1.14 8.52 28.74
C LEU A 165 1.05 7.69 27.46
N CYS A 166 0.85 8.34 26.32
N CYS A 166 0.85 8.34 26.32
CA CYS A 166 0.87 7.67 25.02
CA CYS A 166 0.88 7.66 25.02
C CYS A 166 2.23 7.01 24.75
C CYS A 166 2.24 7.01 24.76
N GLN A 167 3.31 7.77 24.96
CA GLN A 167 4.65 7.25 24.79
C GLN A 167 4.93 6.10 25.77
N LEU A 168 4.42 6.16 26.99
CA LEU A 168 4.62 5.08 27.95
C LEU A 168 3.91 3.81 27.48
N ARG A 169 2.69 3.97 26.98
CA ARG A 169 1.98 2.82 26.41
C ARG A 169 2.68 2.27 25.15
N PHE A 170 3.13 3.18 24.29
CA PHE A 170 3.84 2.73 23.11
C PHE A 170 5.10 1.94 23.43
N ASN A 171 5.79 2.27 24.53
CA ASN A 171 7.03 1.56 24.85
C ASN A 171 6.76 0.10 25.10
N THR A 172 5.56 -0.21 25.63
CA THR A 172 5.22 -1.61 25.89
C THR A 172 5.04 -2.46 24.65
N VAL A 173 4.81 -1.83 23.49
CA VAL A 173 4.71 -2.56 22.22
C VAL A 173 5.95 -2.36 21.34
N PHE A 174 7.03 -1.77 21.89
CA PHE A 174 8.25 -1.50 21.13
C PHE A 174 9.14 -2.72 21.20
N ASN A 175 9.64 -3.15 20.05
CA ASN A 175 10.57 -4.27 19.99
C ASN A 175 11.95 -3.65 19.70
N ALA A 176 12.81 -3.70 20.71
CA ALA A 176 14.14 -3.11 20.60
C ALA A 176 15.03 -3.86 19.61
N GLU A 177 14.83 -5.17 19.44
CA GLU A 177 15.68 -5.97 18.51
C GLU A 177 15.45 -5.54 17.04
N THR A 178 14.18 -5.31 16.67
CA THR A 178 13.81 -4.96 15.29
C THR A 178 13.55 -3.48 15.05
N GLY A 179 13.58 -2.65 16.10
CA GLY A 179 13.28 -1.22 15.94
C GLY A 179 11.86 -0.95 15.48
N THR A 180 10.90 -1.66 16.07
CA THR A 180 9.53 -1.72 15.55
C THR A 180 8.49 -1.60 16.65
N TRP A 181 7.48 -0.76 16.44
CA TRP A 181 6.32 -0.67 17.30
C TRP A 181 5.27 -1.59 16.68
N GLU A 182 4.91 -2.62 17.44
CA GLU A 182 4.01 -3.69 17.04
C GLU A 182 2.59 -3.41 17.56
N CYS A 183 1.76 -2.91 16.66
CA CYS A 183 0.41 -2.45 16.99
C CYS A 183 -0.66 -3.35 16.38
N GLY A 184 -0.66 -4.58 16.83
CA GLY A 184 -1.53 -5.62 16.30
C GLY A 184 -1.14 -5.93 14.87
N ARG A 185 -2.03 -5.62 13.95
CA ARG A 185 -1.84 -5.89 12.54
C ARG A 185 -1.05 -4.78 11.84
N LEU A 186 -0.91 -3.64 12.51
CA LEU A 186 -0.11 -2.51 12.05
C LEU A 186 1.24 -2.57 12.72
N SER A 187 2.33 -2.40 11.97
CA SER A 187 3.62 -2.11 12.58
C SER A 187 4.34 -0.88 11.97
N TYR A 188 5.09 -0.16 12.79
CA TYR A 188 5.88 1.02 12.40
C TYR A 188 7.34 0.71 12.62
N CYS A 189 8.12 0.68 11.54
CA CYS A 189 9.50 0.24 11.59
CA CYS A 189 9.50 0.24 11.59
C CYS A 189 10.42 1.40 11.26
N LEU A 190 11.42 1.62 12.09
CA LEU A 190 12.36 2.72 11.89
C LEU A 190 13.13 2.48 10.61
N GLU A 191 13.19 3.49 9.75
CA GLU A 191 13.98 3.43 8.53
C GLU A 191 15.35 3.99 8.87
N ASP A 192 16.39 3.14 8.77
CA ASP A 192 17.75 3.54 9.17
C ASP A 192 18.29 4.63 8.24
N THR A 193 18.99 5.59 8.86
CA THR A 193 19.64 6.71 8.18
C THR A 193 21.13 6.38 8.00
N ALA A 194 21.86 7.20 7.24
CA ALA A 194 23.22 6.89 6.76
C ALA A 194 24.28 6.55 7.82
N GLY A 195 24.09 6.99 9.06
CA GLY A 195 24.99 6.67 10.16
C GLY A 195 24.86 5.24 10.68
N GLY A 196 23.62 4.84 10.99
CA GLY A 196 23.30 3.48 11.45
C GLY A 196 22.44 3.47 12.70
N PHE A 197 22.70 2.49 13.58
CA PHE A 197 21.98 2.34 14.86
C PHE A 197 22.34 3.46 15.85
N GLN A 198 23.61 3.84 15.88
CA GLN A 198 24.10 4.90 16.79
C GLN A 198 23.59 6.31 16.41
N GLN A 199 23.40 6.57 15.12
CA GLN A 199 22.90 7.86 14.66
C GLN A 199 21.40 8.05 14.94
N LEU A 200 20.62 6.97 14.93
CA LEU A 200 19.21 7.02 15.36
C LEU A 200 19.06 7.34 16.85
N LEU A 201 19.94 6.78 17.69
CA LEU A 201 19.97 7.10 19.13
C LEU A 201 20.24 8.59 19.47
N LEU A 202 20.69 9.37 18.50
CA LEU A 202 20.74 10.83 18.67
C LEU A 202 19.34 11.41 18.92
N GLU A 203 18.35 10.94 18.16
CA GLU A 203 16.97 11.44 18.27
C GLU A 203 16.39 11.11 19.65
N PRO A 204 16.10 12.14 20.47
CA PRO A 204 15.72 11.88 21.87
C PRO A 204 14.56 10.92 22.12
N MET A 205 13.51 11.00 21.29
CA MET A 205 12.36 10.08 21.42
C MET A 205 12.78 8.62 21.25
N LEU A 206 13.71 8.39 20.33
CA LEU A 206 14.16 7.04 20.03
C LEU A 206 15.03 6.49 21.14
N LYS A 207 16.00 7.30 21.59
CA LYS A 207 16.83 6.97 22.74
C LYS A 207 15.96 6.64 23.95
N PHE A 208 14.91 7.43 24.17
CA PHE A 208 14.03 7.21 25.29
C PHE A 208 13.43 5.79 25.25
N HIS A 209 12.88 5.42 24.08
CA HIS A 209 12.26 4.10 23.95
C HIS A 209 13.28 2.98 24.15
N TYR A 210 14.49 3.12 23.60
CA TYR A 210 15.52 2.09 23.85
C TYR A 210 15.88 2.00 25.33
N MET A 211 16.09 3.16 25.97
CA MET A 211 16.53 3.19 27.38
C MET A 211 15.50 2.61 28.32
N LEU A 212 14.24 2.99 28.14
CA LEU A 212 13.15 2.48 28.95
C LEU A 212 12.92 0.99 28.76
N LYS A 213 12.97 0.53 27.50
CA LYS A 213 12.77 -0.87 27.21
C LYS A 213 13.83 -1.74 27.89
N LYS A 214 15.07 -1.23 27.93
CA LYS A 214 16.19 -1.93 28.54
C LYS A 214 15.99 -2.17 30.05
N LEU A 215 15.19 -1.35 30.74
CA LEU A 215 14.93 -1.57 32.17
C LEU A 215 14.04 -2.78 32.46
N GLN A 216 13.34 -3.32 31.45
CA GLN A 216 12.50 -4.51 31.62
C GLN A 216 11.48 -4.38 32.78
N LEU A 217 10.68 -3.34 32.70
CA LEU A 217 9.70 -3.05 33.71
C LEU A 217 8.53 -4.03 33.65
N HIS A 218 7.94 -4.23 34.83
CA HIS A 218 6.71 -4.97 34.97
C HIS A 218 5.54 -4.11 34.51
N GLU A 219 4.41 -4.75 34.21
CA GLU A 219 3.14 -4.01 33.93
C GLU A 219 2.80 -3.00 35.03
N GLU A 220 3.00 -3.44 36.28
CA GLU A 220 2.70 -2.64 37.47
C GLU A 220 3.59 -1.39 37.54
N GLU A 221 4.84 -1.55 37.14
CA GLU A 221 5.77 -0.42 37.17
C GLU A 221 5.42 0.58 36.05
N TYR A 222 5.06 0.10 34.84
CA TYR A 222 4.57 1.02 33.77
C TYR A 222 3.34 1.83 34.20
N VAL A 223 2.39 1.18 34.84
CA VAL A 223 1.15 1.88 35.21
C VAL A 223 1.37 2.86 36.38
N LEU A 224 2.32 2.56 37.27
CA LEU A 224 2.73 3.52 38.28
C LEU A 224 3.45 4.73 37.63
N MET A 225 4.28 4.48 36.61
CA MET A 225 4.88 5.56 35.84
C MET A 225 3.82 6.43 35.22
N GLN A 226 2.79 5.81 34.62
CA GLN A 226 1.67 6.57 34.06
C GLN A 226 0.99 7.44 35.12
N ALA A 227 0.74 6.87 36.30
CA ALA A 227 0.12 7.63 37.39
C ALA A 227 0.98 8.81 37.84
N ILE A 228 2.28 8.58 37.99
CA ILE A 228 3.20 9.64 38.44
C ILE A 228 3.19 10.82 37.45
N SER A 229 3.20 10.51 36.15
CA SER A 229 3.16 11.52 35.09
C SER A 229 1.83 12.28 35.06
N LEU A 230 0.72 11.54 35.16
CA LEU A 230 -0.63 12.09 35.12
C LEU A 230 -0.85 13.09 36.24
N PHE A 231 -0.47 12.69 37.45
CA PHE A 231 -0.66 13.50 38.64
C PHE A 231 0.57 14.41 38.86
N SER A 232 0.88 15.27 37.90
CA SER A 232 2.01 16.18 38.02
C SER A 232 1.44 17.54 38.46
N PRO A 233 1.83 18.01 39.66
CA PRO A 233 1.23 19.20 40.24
C PRO A 233 1.64 20.52 39.59
N ASP A 234 2.71 20.49 38.79
CA ASP A 234 3.30 21.67 38.18
C ASP A 234 2.94 21.85 36.70
N ARG A 235 1.87 21.19 36.23
CA ARG A 235 1.37 21.42 34.86
C ARG A 235 0.67 22.77 34.79
N PRO A 236 0.71 23.45 33.62
CA PRO A 236 0.01 24.74 33.50
C PRO A 236 -1.47 24.62 33.84
N GLY A 237 -1.96 25.53 34.68
CA GLY A 237 -3.38 25.67 34.95
C GLY A 237 -3.89 24.89 36.14
N VAL A 238 -3.04 24.05 36.75
CA VAL A 238 -3.48 23.23 37.87
C VAL A 238 -3.74 24.13 39.07
N LEU A 239 -4.92 23.97 39.68
CA LEU A 239 -5.31 24.75 40.87
C LEU A 239 -5.01 23.99 42.15
N GLN A 240 -5.46 22.75 42.26
CA GLN A 240 -5.26 21.93 43.46
CA GLN A 240 -5.26 21.93 43.46
C GLN A 240 -3.83 21.31 43.47
N HIS A 241 -2.81 22.17 43.30
CA HIS A 241 -1.40 21.73 43.27
CA HIS A 241 -1.42 21.71 43.26
C HIS A 241 -1.05 20.86 44.47
N ARG A 242 -1.49 21.25 45.65
CA ARG A 242 -1.06 20.57 46.89
C ARG A 242 -1.66 19.17 46.95
N VAL A 243 -2.93 19.03 46.61
CA VAL A 243 -3.57 17.72 46.52
C VAL A 243 -2.90 16.83 45.46
N VAL A 244 -2.58 17.39 44.30
CA VAL A 244 -1.97 16.61 43.21
C VAL A 244 -0.57 16.14 43.63
N ASP A 245 0.18 17.06 44.27
CA ASP A 245 1.54 16.78 44.82
C ASP A 245 1.50 15.61 45.80
N GLN A 246 0.56 15.65 46.74
CA GLN A 246 0.37 14.57 47.72
C GLN A 246 0.08 13.25 47.02
N LEU A 247 -0.85 13.28 46.08
CA LEU A 247 -1.15 12.08 45.27
C LEU A 247 0.07 11.53 44.52
N GLN A 248 0.81 12.43 43.86
CA GLN A 248 2.00 12.02 43.13
C GLN A 248 2.98 11.34 44.07
N GLU A 249 3.18 11.96 45.23
CA GLU A 249 4.10 11.42 46.22
C GLU A 249 3.70 10.00 46.60
N GLN A 250 2.41 9.77 46.90
N GLN A 250 2.42 9.77 46.89
CA GLN A 250 1.89 8.43 47.24
CA GLN A 250 1.97 8.42 47.26
C GLN A 250 2.14 7.40 46.14
C GLN A 250 2.13 7.40 46.14
N PHE A 251 1.92 7.80 44.88
CA PHE A 251 2.20 6.89 43.74
C PHE A 251 3.69 6.56 43.66
N ALA A 252 4.53 7.57 43.88
CA ALA A 252 5.99 7.38 43.89
C ALA A 252 6.43 6.46 45.01
N ILE A 253 5.88 6.65 46.20
CA ILE A 253 6.23 5.81 47.35
C ILE A 253 5.81 4.36 47.07
N THR A 254 4.63 4.18 46.48
CA THR A 254 4.15 2.85 46.12
C THR A 254 5.06 2.15 45.12
N LEU A 255 5.55 2.91 44.12
CA LEU A 255 6.50 2.37 43.13
C LEU A 255 7.82 1.95 43.81
N LYS A 256 8.33 2.81 44.66
CA LYS A 256 9.59 2.54 45.39
C LYS A 256 9.49 1.29 46.24
N SER A 257 8.39 1.16 47.01
CA SER A 257 8.11 -0.06 47.78
C SER A 257 7.91 -1.30 46.92
N TYR A 258 7.14 -1.17 45.83
CA TYR A 258 6.97 -2.27 44.87
C TYR A 258 8.33 -2.81 44.46
N ILE A 259 9.23 -1.91 44.09
CA ILE A 259 10.56 -2.31 43.67
C ILE A 259 11.31 -3.00 44.81
N GLU A 260 11.29 -2.43 46.01
CA GLU A 260 11.98 -3.07 47.16
C GLU A 260 11.45 -4.47 47.52
N CYS A 261 10.16 -4.71 47.33
CA CYS A 261 9.54 -5.99 47.69
C CYS A 261 9.62 -7.08 46.62
N ASN A 262 9.57 -6.71 45.33
CA ASN A 262 9.47 -7.73 44.23
C ASN A 262 10.69 -7.86 43.33
N ARG A 263 11.69 -7.00 43.54
CA ARG A 263 13.07 -7.14 43.04
C ARG A 263 14.08 -6.80 44.17
N PRO A 264 14.04 -7.52 45.30
CA PRO A 264 14.77 -7.01 46.50
C PRO A 264 16.32 -7.01 46.41
N GLN A 265 16.88 -7.68 45.40
CA GLN A 265 18.32 -7.80 45.23
C GLN A 265 18.99 -6.44 44.89
N PRO A 266 20.23 -6.22 45.44
CA PRO A 266 21.05 -5.03 45.17
C PRO A 266 21.15 -4.59 43.72
N ALA A 267 21.05 -5.52 42.77
CA ALA A 267 21.03 -5.16 41.34
C ALA A 267 19.97 -4.10 40.98
N HIS A 268 18.83 -4.10 41.69
CA HIS A 268 17.75 -3.11 41.46
C HIS A 268 17.71 -1.95 42.47
N ARG A 269 18.84 -1.73 43.15
CA ARG A 269 18.93 -0.67 44.13
C ARG A 269 18.57 0.72 43.60
N PHE A 270 18.97 1.07 42.37
CA PHE A 270 18.62 2.38 41.80
C PHE A 270 17.58 2.37 40.71
N LEU A 271 16.84 1.26 40.58
CA LEU A 271 15.79 1.20 39.54
C LEU A 271 14.75 2.30 39.68
N PHE A 272 14.28 2.56 40.90
CA PHE A 272 13.27 3.61 41.10
C PHE A 272 13.81 4.96 40.61
N LEU A 273 15.03 5.30 41.02
CA LEU A 273 15.63 6.55 40.59
C LEU A 273 15.84 6.61 39.08
N LYS A 274 16.17 5.47 38.45
CA LYS A 274 16.28 5.45 36.99
C LYS A 274 14.91 5.70 36.35
N ILE A 275 13.86 5.14 36.93
CA ILE A 275 12.52 5.39 36.40
C ILE A 275 12.17 6.89 36.49
N MET A 276 12.44 7.52 37.63
CA MET A 276 12.18 8.97 37.79
C MET A 276 12.99 9.84 36.80
N ALA A 277 14.24 9.44 36.53
CA ALA A 277 15.06 10.17 35.55
C ALA A 277 14.44 10.01 34.15
N MET A 278 13.83 8.86 33.88
CA MET A 278 13.17 8.65 32.60
C MET A 278 11.91 9.50 32.47
N LEU A 279 11.16 9.65 33.56
CA LEU A 279 10.02 10.57 33.56
C LEU A 279 10.43 12.01 33.35
N THR A 280 11.58 12.42 33.86
CA THR A 280 12.10 13.80 33.65
C THR A 280 12.49 14.02 32.20
N GLU A 281 13.18 13.04 31.62
CA GLU A 281 13.51 13.07 30.20
C GLU A 281 12.24 13.09 29.33
N LEU A 282 11.26 12.24 29.66
CA LEU A 282 10.05 12.19 28.91
C LEU A 282 9.35 13.56 28.92
N ARG A 283 9.40 14.27 30.04
CA ARG A 283 8.84 15.62 30.13
C ARG A 283 9.55 16.65 29.23
N SER A 284 10.88 16.56 29.14
CA SER A 284 11.64 17.39 28.21
CA SER A 284 11.64 17.38 28.21
C SER A 284 11.21 17.10 26.77
N ILE A 285 11.09 15.82 26.43
CA ILE A 285 10.70 15.41 25.09
C ILE A 285 9.28 15.88 24.74
N ASN A 286 8.38 15.84 25.73
CA ASN A 286 7.02 16.33 25.58
C ASN A 286 7.03 17.78 25.12
N ALA A 287 7.86 18.59 25.76
CA ALA A 287 7.94 20.02 25.46
C ALA A 287 8.42 20.28 24.05
N GLN A 288 9.50 19.59 23.63
CA GLN A 288 10.02 19.70 22.25
C GLN A 288 8.98 19.25 21.23
N HIS A 289 8.25 18.18 21.53
CA HIS A 289 7.24 17.65 20.61
CA HIS A 289 7.23 17.63 20.62
C HIS A 289 6.03 18.57 20.44
N THR A 290 5.59 19.19 21.52
CA THR A 290 4.54 20.18 21.45
C THR A 290 4.94 21.31 20.48
N GLN A 291 6.17 21.81 20.57
CA GLN A 291 6.62 22.94 19.74
CA GLN A 291 6.59 22.93 19.73
C GLN A 291 6.68 22.53 18.26
N ARG A 292 7.14 21.31 17.99
CA ARG A 292 7.20 20.78 16.62
C ARG A 292 5.81 20.71 16.00
N LEU A 293 4.88 20.18 16.78
CA LEU A 293 3.49 20.02 16.36
C LEU A 293 2.84 21.37 16.04
N LEU A 294 3.06 22.36 16.89
CA LEU A 294 2.56 23.72 16.63
C LEU A 294 3.14 24.34 15.35
N ARG A 295 4.41 24.07 15.08
CA ARG A 295 5.05 24.60 13.85
C ARG A 295 4.48 23.93 12.60
N ILE A 296 4.32 22.60 12.65
CA ILE A 296 3.83 21.84 11.51
C ILE A 296 2.39 22.28 11.23
N GLN A 297 1.55 22.25 12.28
CA GLN A 297 0.15 22.67 12.21
C GLN A 297 -0.01 24.02 11.54
N ASP A 298 0.90 24.94 11.88
CA ASP A 298 0.86 26.30 11.37
C ASP A 298 0.94 26.37 9.84
N ILE A 299 1.81 25.57 9.22
CA ILE A 299 1.94 25.56 7.74
C ILE A 299 1.22 24.41 7.01
N HIS A 300 0.85 23.35 7.73
CA HIS A 300 0.05 22.27 7.12
C HIS A 300 -0.92 21.73 8.19
N PRO A 301 -2.16 22.27 8.24
CA PRO A 301 -3.11 21.81 9.27
C PRO A 301 -3.44 20.30 9.18
N PHE A 302 -3.30 19.60 10.30
CA PHE A 302 -3.56 18.17 10.36
C PHE A 302 -4.14 17.65 11.68
N ALA A 303 -4.08 18.44 12.74
CA ALA A 303 -4.57 17.99 14.03
C ALA A 303 -6.08 17.74 13.97
N THR A 304 -6.51 16.66 14.61
CA THR A 304 -7.94 16.42 14.80
C THR A 304 -8.49 17.38 15.85
N PRO A 305 -9.82 17.56 15.89
CA PRO A 305 -10.37 18.43 16.94
C PRO A 305 -9.92 18.08 18.38
N LEU A 306 -9.87 16.81 18.76
CA LEU A 306 -9.38 16.47 20.09
C LEU A 306 -7.91 16.92 20.29
N MET A 307 -7.10 16.77 19.24
CA MET A 307 -5.70 17.17 19.30
C MET A 307 -5.56 18.67 19.43
N GLN A 308 -6.41 19.41 18.74
CA GLN A 308 -6.42 20.88 18.86
C GLN A 308 -6.66 21.31 20.32
N GLU A 309 -7.63 20.69 20.99
CA GLU A 309 -7.89 20.98 22.40
C GLU A 309 -6.72 20.65 23.30
N LEU A 310 -6.13 19.46 23.11
CA LEU A 310 -5.01 19.02 23.94
C LEU A 310 -3.75 19.91 23.81
N PHE A 311 -3.55 20.54 22.64
CA PHE A 311 -2.31 21.23 22.33
C PHE A 311 -2.45 22.75 22.18
N GLY A 312 -3.65 23.29 22.38
CA GLY A 312 -3.87 24.74 22.43
C GLY A 312 -4.00 25.46 21.11
N ILE A 313 -4.64 24.80 20.15
CA ILE A 313 -4.87 25.36 18.80
C ILE A 313 -6.34 25.80 18.69
N THR A 314 -6.60 26.91 18.00
CA THR A 314 -7.98 27.39 17.73
C THR A 314 -8.39 27.03 16.28
N GLY A 315 -9.69 26.78 16.06
CA GLY A 315 -10.29 26.59 14.71
C GLY A 315 -11.63 27.29 14.47
N SER A 316 -11.96 28.25 15.32
CA SER A 316 -13.31 28.83 15.41
C SER A 316 -13.55 29.91 14.36
N SER A 325 -14.55 31.42 27.46
CA SER A 325 -13.34 31.99 28.04
C SER A 325 -12.67 31.08 29.08
N SER A 326 -13.45 30.23 29.76
CA SER A 326 -12.91 29.35 30.80
C SER A 326 -12.27 28.09 30.20
N LEU A 327 -11.43 27.41 31.00
CA LEU A 327 -10.82 26.15 30.60
C LEU A 327 -11.87 25.19 30.04
N THR A 328 -13.03 25.10 30.72
CA THR A 328 -14.16 24.26 30.29
C THR A 328 -14.72 24.60 28.89
N GLU A 329 -14.87 25.89 28.58
CA GLU A 329 -15.42 26.29 27.26
C GLU A 329 -14.40 26.15 26.12
N ARG A 330 -13.10 26.27 26.41
CA ARG A 330 -12.07 26.02 25.40
C ARG A 330 -11.76 24.54 25.18
N HIS A 331 -12.35 23.65 25.98
CA HIS A 331 -12.06 22.22 25.88
C HIS A 331 -13.33 21.38 25.94
N LYS A 332 -14.28 21.71 25.07
CA LYS A 332 -15.62 21.09 25.09
C LYS A 332 -15.61 19.59 24.82
N ILE A 333 -14.74 19.16 23.92
CA ILE A 333 -14.63 17.73 23.60
C ILE A 333 -14.09 16.98 24.82
N LEU A 334 -12.95 17.42 25.35
CA LEU A 334 -12.38 16.86 26.56
C LEU A 334 -13.38 16.79 27.72
N HIS A 335 -14.11 17.90 27.89
CA HIS A 335 -15.14 18.03 28.90
C HIS A 335 -16.23 16.98 28.68
N ARG A 336 -16.72 16.85 27.45
CA ARG A 336 -17.72 15.80 27.12
CA ARG A 336 -17.72 15.80 27.12
C ARG A 336 -17.15 14.43 27.45
N LEU A 337 -15.96 14.14 26.94
CA LEU A 337 -15.36 12.83 27.17
C LEU A 337 -15.21 12.51 28.66
N LEU A 338 -14.88 13.51 29.46
CA LEU A 338 -14.71 13.34 30.91
C LEU A 338 -16.01 13.16 31.67
N GLN A 339 -17.09 13.76 31.19
CA GLN A 339 -18.37 13.66 31.91
C GLN A 339 -19.16 12.43 31.48
N GLU A 340 -18.86 11.89 30.30
CA GLU A 340 -19.49 10.63 29.88
C GLU A 340 -19.14 9.46 30.80
N GLY A 341 -20.08 8.52 30.95
CA GLY A 341 -19.87 7.30 31.71
C GLY A 341 -18.92 6.34 31.01
N SER A 342 -18.15 5.59 31.79
CA SER A 342 -17.08 4.73 31.27
C SER A 342 -17.66 3.36 30.89
N PRO A 343 -17.42 2.89 29.64
CA PRO A 343 -17.87 1.55 29.25
C PRO A 343 -17.36 0.41 30.13
N LEU B 20 20.90 -2.11 -46.11
CA LEU B 20 20.05 -1.39 -47.12
C LEU B 20 19.12 -0.31 -46.50
N GLY B 21 18.53 -0.58 -45.33
CA GLY B 21 17.64 0.39 -44.64
C GLY B 21 16.29 0.56 -45.31
N VAL B 22 15.58 1.64 -44.98
CA VAL B 22 14.21 1.86 -45.51
C VAL B 22 14.09 1.98 -47.05
N GLN B 23 15.18 2.25 -47.76
CA GLN B 23 15.22 2.23 -49.23
CA GLN B 23 15.17 2.24 -49.23
C GLN B 23 15.11 0.80 -49.77
N GLY B 24 15.42 -0.18 -48.89
CA GLY B 24 15.26 -1.62 -49.14
C GLY B 24 13.82 -2.12 -49.05
N LEU B 25 12.98 -1.38 -48.35
CA LEU B 25 11.54 -1.63 -48.34
C LEU B 25 10.91 -0.81 -49.45
N THR B 26 9.75 -1.22 -49.94
CA THR B 26 8.98 -0.39 -50.88
C THR B 26 8.41 0.81 -50.12
N GLU B 27 7.91 1.80 -50.86
CA GLU B 27 7.26 2.96 -50.22
C GLU B 27 6.00 2.51 -49.47
N GLU B 28 5.30 1.53 -50.03
CA GLU B 28 4.09 0.97 -49.43
C GLU B 28 4.41 0.31 -48.11
N GLN B 29 5.53 -0.41 -48.06
CA GLN B 29 5.98 -1.07 -46.83
C GLN B 29 6.39 -0.06 -45.77
N ARG B 30 7.12 0.98 -46.19
CA ARG B 30 7.55 2.04 -45.29
C ARG B 30 6.38 2.77 -44.66
N MET B 31 5.37 3.05 -45.49
CA MET B 31 4.14 3.71 -45.07
C MET B 31 3.40 2.87 -44.06
N MET B 32 3.36 1.56 -44.31
CA MET B 32 2.66 0.60 -43.46
C MET B 32 3.32 0.58 -42.07
N ILE B 33 4.64 0.52 -42.04
CA ILE B 33 5.39 0.51 -40.77
C ILE B 33 5.18 1.84 -40.05
N ARG B 34 5.26 2.97 -40.76
CA ARG B 34 5.03 4.31 -40.14
C ARG B 34 3.66 4.42 -39.47
N GLU B 35 2.62 3.95 -40.18
CA GLU B 35 1.25 3.97 -39.63
C GLU B 35 1.13 3.11 -38.37
N LEU B 36 1.66 1.89 -38.40
CA LEU B 36 1.60 1.02 -37.23
C LEU B 36 2.34 1.60 -36.00
N MET B 37 3.52 2.19 -36.25
CA MET B 37 4.33 2.77 -35.19
C MET B 37 3.68 4.01 -34.59
N ASP B 38 3.09 4.81 -35.48
CA ASP B 38 2.32 5.96 -35.09
C ASP B 38 1.20 5.54 -34.19
N ALA B 39 0.47 4.51 -34.63
CA ALA B 39 -0.69 3.98 -33.87
C ALA B 39 -0.26 3.43 -32.52
N GLN B 40 0.85 2.71 -32.51
CA GLN B 40 1.37 2.18 -31.24
C GLN B 40 1.66 3.34 -30.27
N MET B 41 2.32 4.39 -30.78
CA MET B 41 2.67 5.52 -29.96
C MET B 41 1.42 6.23 -29.41
N LYS B 42 0.41 6.43 -30.25
CA LYS B 42 -0.81 7.10 -29.80
C LYS B 42 -1.68 6.33 -28.81
N THR B 43 -1.52 5.00 -28.74
CA THR B 43 -2.47 4.15 -28.01
C THR B 43 -1.89 3.21 -26.98
N PHE B 44 -0.56 3.18 -26.84
CA PHE B 44 0.08 2.37 -25.82
C PHE B 44 0.60 3.27 -24.69
N ASP B 45 -0.11 3.26 -23.56
CA ASP B 45 0.27 4.05 -22.41
C ASP B 45 1.37 3.29 -21.65
N THR B 46 2.61 3.41 -22.10
CA THR B 46 3.69 2.53 -21.59
C THR B 46 4.05 2.79 -20.13
N THR B 47 3.75 3.99 -19.63
CA THR B 47 3.95 4.36 -18.22
C THR B 47 2.68 4.23 -17.38
N PHE B 48 1.58 3.82 -17.97
CA PHE B 48 0.31 3.65 -17.27
C PHE B 48 -0.16 4.92 -16.54
N SER B 49 0.18 6.08 -17.09
CA SER B 49 -0.15 7.39 -16.53
C SER B 49 -1.66 7.64 -16.40
N HIS B 50 -2.45 7.09 -17.33
CA HIS B 50 -3.89 7.33 -17.34
C HIS B 50 -4.70 6.18 -16.77
N PHE B 51 -4.02 5.17 -16.21
CA PHE B 51 -4.69 4.08 -15.53
C PHE B 51 -4.96 4.51 -14.09
N LYS B 52 -6.21 4.89 -13.83
CA LYS B 52 -6.67 5.30 -12.49
C LYS B 52 -7.98 4.59 -12.06
N ASN B 53 -8.41 4.83 -10.83
CA ASN B 53 -9.66 4.28 -10.29
C ASN B 53 -9.76 2.74 -10.32
N PHE B 54 -8.61 2.07 -10.23
CA PHE B 54 -8.57 0.60 -10.20
C PHE B 54 -8.71 0.08 -8.77
N ARG B 55 -9.29 -1.12 -8.64
CA ARG B 55 -9.38 -1.79 -7.35
C ARG B 55 -8.03 -2.39 -6.94
N LEU B 56 -7.88 -2.59 -5.63
CA LEU B 56 -6.66 -3.15 -5.03
C LEU B 56 -7.04 -4.16 -3.99
N PRO B 57 -6.16 -5.12 -3.70
CA PRO B 57 -6.50 -6.02 -2.61
C PRO B 57 -6.70 -5.23 -1.32
N GLY B 58 -7.73 -5.56 -0.55
CA GLY B 58 -8.18 -4.73 0.57
C GLY B 58 -7.18 -4.58 1.70
N VAL B 59 -7.42 -3.59 2.56
CA VAL B 59 -6.62 -3.37 3.77
C VAL B 59 -7.18 -4.26 4.89
N PRO B 73 -21.87 -28.65 0.92
CA PRO B 73 -20.91 -29.68 0.58
C PRO B 73 -20.07 -29.33 -0.64
N SER B 74 -19.26 -30.29 -1.08
CA SER B 74 -18.47 -30.19 -2.31
C SER B 74 -17.97 -31.57 -2.72
N ARG B 75 -18.53 -32.12 -3.80
CA ARG B 75 -18.22 -33.48 -4.25
C ARG B 75 -17.37 -33.50 -5.52
N GLU B 76 -17.85 -32.82 -6.57
CA GLU B 76 -17.10 -32.55 -7.80
C GLU B 76 -16.50 -31.13 -7.80
N GLU B 77 -16.88 -30.33 -6.81
CA GLU B 77 -16.43 -28.93 -6.71
C GLU B 77 -14.99 -28.85 -6.20
N ALA B 78 -14.58 -29.78 -5.33
CA ALA B 78 -13.17 -29.93 -4.94
C ALA B 78 -12.24 -30.12 -6.17
N ALA B 79 -12.73 -30.80 -7.20
CA ALA B 79 -12.00 -30.99 -8.47
C ALA B 79 -11.95 -29.71 -9.32
N LYS B 80 -13.06 -28.97 -9.36
CA LYS B 80 -13.12 -27.64 -9.99
C LYS B 80 -12.18 -26.65 -9.30
N TRP B 81 -12.31 -26.58 -7.98
CA TRP B 81 -11.46 -25.73 -7.13
C TRP B 81 -9.98 -26.09 -7.22
N SER B 82 -9.67 -27.38 -7.17
CA SER B 82 -8.32 -27.88 -7.38
C SER B 82 -7.77 -27.56 -8.77
N GLN B 83 -8.63 -27.57 -9.80
CA GLN B 83 -8.24 -27.12 -11.15
C GLN B 83 -8.05 -25.59 -11.19
N VAL B 84 -8.98 -24.84 -10.59
CA VAL B 84 -8.83 -23.37 -10.52
C VAL B 84 -7.59 -22.98 -9.68
N ARG B 85 -7.28 -23.77 -8.64
CA ARG B 85 -6.05 -23.61 -7.86
C ARG B 85 -4.81 -23.71 -8.75
N LYS B 86 -4.80 -24.67 -9.68
CA LYS B 86 -3.73 -24.81 -10.68
C LYS B 86 -3.75 -23.66 -11.68
N ASP B 87 -4.94 -23.23 -12.10
CA ASP B 87 -5.08 -22.14 -13.07
C ASP B 87 -4.56 -20.76 -12.58
N LEU B 88 -4.56 -20.54 -11.27
CA LEU B 88 -4.13 -19.29 -10.66
C LEU B 88 -2.67 -19.32 -10.23
N CYS B 89 -2.27 -20.34 -9.47
CA CYS B 89 -0.93 -20.40 -8.81
C CYS B 89 0.27 -20.59 -9.77
N SER B 90 0.01 -20.59 -11.07
CA SER B 90 1.06 -20.39 -12.07
C SER B 90 1.47 -18.90 -12.19
N LEU B 91 0.46 -18.01 -12.24
CA LEU B 91 0.64 -16.56 -12.42
C LEU B 91 0.40 -15.80 -11.09
N LYS B 92 1.19 -16.13 -10.06
CA LYS B 92 1.14 -15.44 -8.76
C LYS B 92 2.20 -14.33 -8.64
N VAL B 93 1.75 -13.10 -8.38
CA VAL B 93 2.60 -11.91 -8.38
C VAL B 93 2.41 -11.03 -7.15
N SER B 94 3.52 -10.45 -6.66
CA SER B 94 3.46 -9.30 -5.76
C SER B 94 3.27 -8.02 -6.59
N LEU B 95 2.74 -6.98 -5.96
CA LEU B 95 2.34 -5.78 -6.68
C LEU B 95 3.00 -4.61 -5.99
N GLN B 96 3.61 -3.73 -6.78
CA GLN B 96 4.26 -2.52 -6.28
C GLN B 96 3.60 -1.28 -6.93
N LEU B 97 3.30 -0.28 -6.10
CA LEU B 97 2.66 0.97 -6.53
C LEU B 97 3.58 2.09 -6.10
N ARG B 98 4.20 2.75 -7.07
CA ARG B 98 5.09 3.88 -6.81
C ARG B 98 4.20 5.12 -6.91
N GLY B 99 4.35 6.02 -5.95
CA GLY B 99 3.64 7.27 -5.98
C GLY B 99 4.37 8.35 -6.78
N GLU B 100 3.59 9.26 -7.34
CA GLU B 100 4.03 10.61 -7.80
C GLU B 100 5.15 11.17 -6.91
N ASP B 101 4.90 11.16 -5.61
CA ASP B 101 5.79 11.77 -4.61
C ASP B 101 7.08 11.00 -4.25
N GLY B 102 7.27 9.80 -4.79
CA GLY B 102 8.44 8.96 -4.46
C GLY B 102 8.18 7.77 -3.54
N SER B 103 7.01 7.75 -2.89
CA SER B 103 6.65 6.70 -1.93
C SER B 103 6.36 5.38 -2.63
N VAL B 104 6.46 4.27 -1.91
CA VAL B 104 6.17 2.96 -2.48
C VAL B 104 5.25 2.14 -1.57
N TRP B 105 4.15 1.64 -2.15
CA TRP B 105 3.34 0.62 -1.50
C TRP B 105 3.67 -0.72 -2.16
N ASN B 106 3.97 -1.73 -1.35
CA ASN B 106 4.17 -3.09 -1.79
C ASN B 106 3.09 -4.01 -1.19
N TYR B 107 2.44 -4.79 -2.06
CA TYR B 107 1.48 -5.84 -1.67
C TYR B 107 2.06 -7.23 -1.88
N LYS B 108 2.30 -7.97 -0.80
CA LYS B 108 2.66 -9.39 -0.88
C LYS B 108 1.41 -10.24 -0.65
N PRO B 109 1.06 -11.13 -1.60
CA PRO B 109 -0.20 -11.87 -1.51
C PRO B 109 -0.10 -13.06 -0.55
N PRO B 110 -1.25 -13.52 -0.05
CA PRO B 110 -1.23 -14.57 0.95
C PRO B 110 -0.83 -15.91 0.36
N ALA B 111 -0.30 -16.78 1.19
CA ALA B 111 -0.18 -18.20 0.88
C ALA B 111 -1.57 -18.80 0.71
N ASP B 112 -1.66 -19.81 -0.14
CA ASP B 112 -2.89 -20.61 -0.28
C ASP B 112 -3.15 -21.43 1.01
N SER B 113 -3.95 -20.86 1.91
CA SER B 113 -4.46 -21.58 3.09
C SER B 113 -5.67 -22.47 2.75
N GLY B 114 -6.20 -22.34 1.52
CA GLY B 114 -7.30 -23.19 1.03
C GLY B 114 -8.64 -22.49 1.15
N GLY B 115 -8.76 -21.33 0.51
CA GLY B 115 -9.98 -20.52 0.58
C GLY B 115 -10.05 -19.46 -0.50
N LYS B 116 -10.86 -18.44 -0.23
CA LYS B 116 -11.09 -17.31 -1.17
C LYS B 116 -9.82 -16.45 -1.42
N GLU B 117 -8.91 -16.41 -0.45
CA GLU B 117 -7.70 -15.59 -0.53
C GLU B 117 -6.89 -15.64 -1.84
N ILE B 118 -6.87 -16.82 -2.49
CA ILE B 118 -6.29 -16.95 -3.86
C ILE B 118 -6.90 -16.03 -4.94
N PHE B 119 -8.10 -15.52 -4.69
CA PHE B 119 -8.81 -14.64 -5.60
C PHE B 119 -8.54 -13.15 -5.38
N SER B 120 -7.72 -12.81 -4.38
CA SER B 120 -7.64 -11.42 -3.88
C SER B 120 -7.13 -10.41 -4.90
N LEU B 121 -6.33 -10.88 -5.85
CA LEU B 121 -5.80 -10.05 -6.90
C LEU B 121 -6.69 -9.95 -8.15
N LEU B 122 -7.81 -10.69 -8.21
CA LEU B 122 -8.59 -10.77 -9.45
C LEU B 122 -9.26 -9.45 -9.88
N PRO B 123 -9.91 -8.75 -8.93
CA PRO B 123 -10.51 -7.46 -9.28
C PRO B 123 -9.49 -6.49 -9.88
N HIS B 124 -8.32 -6.42 -9.25
CA HIS B 124 -7.26 -5.58 -9.77
C HIS B 124 -6.83 -6.00 -11.16
N MET B 125 -6.64 -7.30 -11.36
CA MET B 125 -6.18 -7.78 -12.67
C MET B 125 -7.24 -7.57 -13.75
N ALA B 126 -8.52 -7.66 -13.39
CA ALA B 126 -9.60 -7.37 -14.33
C ALA B 126 -9.58 -5.89 -14.74
N ASP B 127 -9.37 -5.01 -13.76
CA ASP B 127 -9.24 -3.60 -14.06
C ASP B 127 -8.04 -3.29 -14.96
N MET B 128 -6.91 -3.92 -14.71
CA MET B 128 -5.73 -3.67 -15.51
CA MET B 128 -5.70 -3.68 -15.53
C MET B 128 -5.88 -4.24 -16.93
N SER B 129 -6.42 -5.42 -17.03
CA SER B 129 -6.69 -6.09 -18.32
C SER B 129 -7.63 -5.27 -19.16
N THR B 130 -8.70 -4.81 -18.54
CA THR B 130 -9.69 -4.02 -19.25
C THR B 130 -9.05 -2.75 -19.79
N TYR B 131 -8.23 -2.09 -18.97
CA TYR B 131 -7.45 -0.94 -19.43
C TYR B 131 -6.56 -1.29 -20.63
N MET B 132 -5.83 -2.40 -20.57
CA MET B 132 -4.97 -2.79 -21.70
C MET B 132 -5.80 -3.05 -22.96
N PHE B 133 -6.97 -3.68 -22.78
CA PHE B 133 -7.83 -4.04 -23.92
C PHE B 133 -8.33 -2.78 -24.64
N LYS B 134 -8.71 -1.77 -23.88
CA LYS B 134 -9.12 -0.49 -24.44
C LYS B 134 -8.03 0.14 -25.29
N GLY B 135 -6.78 0.04 -24.86
CA GLY B 135 -5.64 0.50 -25.64
C GLY B 135 -5.48 -0.24 -26.96
N ILE B 136 -5.71 -1.55 -26.93
CA ILE B 136 -5.62 -2.39 -28.13
CA ILE B 136 -5.65 -2.44 -28.12
C ILE B 136 -6.77 -2.09 -29.10
N ILE B 137 -7.95 -1.87 -28.56
CA ILE B 137 -9.09 -1.41 -29.37
C ILE B 137 -8.73 -0.08 -30.04
N SER B 138 -8.21 0.87 -29.29
CA SER B 138 -7.78 2.16 -29.86
C SER B 138 -6.71 1.97 -30.95
N PHE B 139 -5.78 1.05 -30.72
CA PHE B 139 -4.74 0.71 -31.69
C PHE B 139 -5.34 0.30 -33.01
N ALA B 140 -6.28 -0.65 -32.96
CA ALA B 140 -6.88 -1.18 -34.18
C ALA B 140 -7.63 -0.10 -34.94
N LYS B 141 -8.37 0.74 -34.20
CA LYS B 141 -9.16 1.85 -34.78
C LYS B 141 -8.39 2.89 -35.60
N VAL B 142 -7.13 3.15 -35.26
CA VAL B 142 -6.38 4.17 -36.03
C VAL B 142 -5.75 3.57 -37.29
N ILE B 143 -5.75 2.25 -37.42
CA ILE B 143 -5.19 1.63 -38.61
C ILE B 143 -6.23 1.67 -39.74
N SER B 144 -5.88 2.36 -40.83
CA SER B 144 -6.74 2.46 -42.01
C SER B 144 -7.38 1.15 -42.46
N TYR B 145 -6.54 0.12 -42.61
CA TYR B 145 -7.01 -1.19 -43.10
C TYR B 145 -8.04 -1.85 -42.17
N PHE B 146 -7.99 -1.57 -40.87
CA PHE B 146 -8.94 -2.14 -39.93
C PHE B 146 -10.26 -1.37 -39.94
N ARG B 147 -10.18 -0.04 -39.91
CA ARG B 147 -11.41 0.79 -39.87
C ARG B 147 -12.26 0.66 -41.13
N ASP B 148 -11.63 0.37 -42.27
CA ASP B 148 -12.38 0.13 -43.52
C ASP B 148 -13.15 -1.19 -43.56
N LEU B 149 -12.83 -2.14 -42.67
CA LEU B 149 -13.58 -3.40 -42.59
C LEU B 149 -14.99 -3.17 -42.03
N PRO B 150 -15.92 -4.12 -42.30
CA PRO B 150 -17.23 -3.94 -41.70
C PRO B 150 -17.15 -4.09 -40.17
N ILE B 151 -18.06 -3.41 -39.49
CA ILE B 151 -18.06 -3.35 -38.03
C ILE B 151 -18.07 -4.72 -37.35
N GLU B 152 -18.82 -5.66 -37.88
CA GLU B 152 -18.93 -6.99 -37.29
C GLU B 152 -17.61 -7.71 -37.42
N ASP B 153 -16.88 -7.48 -38.52
CA ASP B 153 -15.54 -8.05 -38.65
C ASP B 153 -14.54 -7.38 -37.72
N GLN B 154 -14.66 -6.08 -37.52
CA GLN B 154 -13.83 -5.38 -36.55
C GLN B 154 -14.04 -6.02 -35.16
N ILE B 155 -15.30 -6.30 -34.82
CA ILE B 155 -15.63 -6.98 -33.54
C ILE B 155 -15.00 -8.37 -33.45
N SER B 156 -15.19 -9.14 -34.50
CA SER B 156 -14.70 -10.53 -34.56
C SER B 156 -13.20 -10.63 -34.42
N LEU B 157 -12.49 -9.74 -35.10
CA LEU B 157 -11.01 -9.75 -35.04
C LEU B 157 -10.51 -9.35 -33.65
N LEU B 158 -11.14 -8.35 -33.05
CA LEU B 158 -10.75 -7.89 -31.71
C LEU B 158 -11.06 -8.95 -30.65
N LYS B 159 -12.24 -9.57 -30.70
CA LYS B 159 -12.53 -10.74 -29.84
C LYS B 159 -11.46 -11.81 -29.97
N GLY B 160 -11.03 -12.06 -31.21
CA GLY B 160 -10.07 -13.10 -31.48
C GLY B 160 -8.65 -12.80 -31.02
N ALA B 161 -8.23 -11.52 -31.10
CA ALA B 161 -6.85 -11.11 -30.90
C ALA B 161 -6.54 -10.36 -29.61
N ALA B 162 -7.56 -9.90 -28.86
CA ALA B 162 -7.37 -9.02 -27.70
C ALA B 162 -6.32 -9.50 -26.71
N PHE B 163 -6.46 -10.73 -26.24
CA PHE B 163 -5.48 -11.34 -25.36
C PHE B 163 -4.06 -11.38 -25.98
N GLU B 164 -3.96 -11.76 -27.24
CA GLU B 164 -2.68 -11.89 -27.92
C GLU B 164 -1.97 -10.56 -27.99
N LEU B 165 -2.68 -9.53 -28.44
CA LEU B 165 -2.07 -8.18 -28.51
C LEU B 165 -1.67 -7.62 -27.14
N CYS B 166 -2.47 -7.91 -26.12
CA CYS B 166 -2.13 -7.55 -24.73
CA CYS B 166 -2.12 -7.53 -24.74
C CYS B 166 -0.82 -8.17 -24.30
N GLN B 167 -0.68 -9.47 -24.55
CA GLN B 167 0.55 -10.19 -24.23
C GLN B 167 1.74 -9.65 -24.98
N LEU B 168 1.54 -9.27 -26.23
CA LEU B 168 2.65 -8.69 -27.02
C LEU B 168 3.09 -7.37 -26.43
N ARG B 169 2.13 -6.54 -26.06
CA ARG B 169 2.46 -5.27 -25.40
C ARG B 169 3.11 -5.49 -24.04
N PHE B 170 2.58 -6.42 -23.26
CA PHE B 170 3.20 -6.71 -21.98
C PHE B 170 4.64 -7.17 -22.08
N ASN B 171 4.98 -7.92 -23.14
CA ASN B 171 6.33 -8.42 -23.27
C ASN B 171 7.32 -7.26 -23.40
N THR B 172 6.89 -6.15 -23.98
CA THR B 172 7.78 -4.99 -24.13
C THR B 172 8.15 -4.31 -22.83
N VAL B 173 7.34 -4.51 -21.78
CA VAL B 173 7.66 -3.98 -20.47
C VAL B 173 8.12 -5.07 -19.49
N PHE B 174 8.42 -6.28 -19.98
CA PHE B 174 8.84 -7.40 -19.15
C PHE B 174 10.32 -7.34 -18.99
N ASN B 175 10.80 -7.44 -17.75
CA ASN B 175 12.22 -7.49 -17.46
C ASN B 175 12.54 -8.94 -17.12
N ALA B 176 13.26 -9.60 -18.01
CA ALA B 176 13.60 -11.01 -17.85
C ALA B 176 14.57 -11.24 -16.69
N GLU B 177 15.44 -10.28 -16.38
CA GLU B 177 16.42 -10.46 -15.28
C GLU B 177 15.73 -10.53 -13.92
N THR B 178 14.73 -9.68 -13.71
CA THR B 178 14.02 -9.60 -12.42
C THR B 178 12.66 -10.32 -12.40
N GLY B 179 12.19 -10.84 -13.52
CA GLY B 179 10.88 -11.49 -13.55
C GLY B 179 9.72 -10.52 -13.28
N THR B 180 9.80 -9.32 -13.85
CA THR B 180 8.93 -8.22 -13.49
C THR B 180 8.38 -7.47 -14.70
N TRP B 181 7.07 -7.23 -14.70
CA TRP B 181 6.41 -6.38 -15.67
C TRP B 181 6.37 -4.98 -15.07
N GLU B 182 7.07 -4.06 -15.73
CA GLU B 182 7.30 -2.69 -15.30
C GLU B 182 6.32 -1.76 -16.00
N CYS B 183 5.23 -1.42 -15.31
CA CYS B 183 4.14 -0.66 -15.90
C CYS B 183 4.04 0.75 -15.30
N GLY B 184 5.12 1.49 -15.36
CA GLY B 184 5.20 2.83 -14.82
C GLY B 184 5.04 2.87 -13.33
N ARG B 185 3.92 3.39 -12.86
CA ARG B 185 3.59 3.40 -11.43
C ARG B 185 3.49 1.99 -10.84
N LEU B 186 2.89 1.08 -11.61
CA LEU B 186 2.65 -0.29 -11.17
C LEU B 186 3.75 -1.23 -11.65
N SER B 187 4.24 -2.10 -10.77
CA SER B 187 5.04 -3.25 -11.23
C SER B 187 4.55 -4.59 -10.61
N TYR B 188 4.62 -5.66 -11.40
CA TYR B 188 4.10 -6.99 -11.05
C TYR B 188 5.26 -7.95 -11.09
N CYS B 189 5.61 -8.53 -9.95
CA CYS B 189 6.82 -9.32 -9.81
C CYS B 189 6.46 -10.77 -9.47
N LEU B 190 7.03 -11.70 -10.24
CA LEU B 190 6.75 -13.11 -10.03
C LEU B 190 7.27 -13.53 -8.68
N GLU B 191 6.42 -14.22 -7.91
CA GLU B 191 6.83 -14.86 -6.65
C GLU B 191 7.41 -16.25 -6.94
N ASP B 192 8.49 -16.59 -6.21
N ASP B 192 8.51 -16.62 -6.28
CA ASP B 192 9.11 -17.94 -6.22
CA ASP B 192 9.10 -17.94 -6.56
C ASP B 192 8.11 -19.03 -5.83
C ASP B 192 8.39 -19.10 -5.83
N THR B 193 8.05 -20.13 -6.60
CA THR B 193 7.40 -21.36 -6.12
C THR B 193 8.51 -22.32 -5.68
N ALA B 194 8.13 -23.41 -5.01
CA ALA B 194 9.09 -24.37 -4.41
C ALA B 194 10.10 -25.02 -5.37
N GLY B 195 9.78 -25.08 -6.67
CA GLY B 195 10.70 -25.61 -7.68
C GLY B 195 11.84 -24.66 -8.03
N GLY B 196 11.47 -23.43 -8.40
CA GLY B 196 12.42 -22.37 -8.76
C GLY B 196 12.16 -21.75 -10.12
N PHE B 197 13.25 -21.43 -10.83
CA PHE B 197 13.19 -20.79 -12.17
C PHE B 197 12.69 -21.79 -13.23
N GLN B 198 13.13 -23.05 -13.13
CA GLN B 198 12.75 -24.11 -14.08
C GLN B 198 11.27 -24.52 -13.97
N GLN B 199 10.71 -24.48 -12.75
CA GLN B 199 9.31 -24.84 -12.51
C GLN B 199 8.33 -23.78 -13.02
N LEU B 200 8.73 -22.50 -12.99
CA LEU B 200 7.93 -21.42 -13.58
C LEU B 200 7.86 -21.53 -15.10
N LEU B 201 8.96 -21.91 -15.74
CA LEU B 201 9.01 -22.12 -17.20
C LEU B 201 8.10 -23.25 -17.71
N LEU B 202 7.57 -24.09 -16.80
CA LEU B 202 6.50 -25.02 -17.15
C LEU B 202 5.26 -24.27 -17.66
N GLU B 203 4.88 -23.19 -16.98
CA GLU B 203 3.68 -22.41 -17.36
C GLU B 203 3.88 -21.76 -18.74
N PRO B 204 3.09 -22.18 -19.75
CA PRO B 204 3.37 -21.75 -21.12
C PRO B 204 3.44 -20.24 -21.38
N MET B 205 2.57 -19.48 -20.74
N MET B 205 2.54 -19.48 -20.74
CA MET B 205 2.59 -18.01 -20.86
CA MET B 205 2.53 -18.01 -20.81
C MET B 205 3.91 -17.42 -20.37
C MET B 205 3.85 -17.41 -20.35
N LEU B 206 4.48 -18.00 -19.32
CA LEU B 206 5.71 -17.48 -18.75
C LEU B 206 6.90 -17.82 -19.65
N LYS B 207 6.96 -19.07 -20.08
CA LYS B 207 7.95 -19.49 -21.07
CA LYS B 207 7.95 -19.50 -21.09
C LYS B 207 7.90 -18.61 -22.32
N PHE B 208 6.70 -18.29 -22.78
CA PHE B 208 6.53 -17.45 -23.94
C PHE B 208 7.18 -16.08 -23.74
N HIS B 209 6.91 -15.43 -22.61
CA HIS B 209 7.51 -14.12 -22.32
C HIS B 209 9.03 -14.20 -22.26
N TYR B 210 9.60 -15.23 -21.64
CA TYR B 210 11.06 -15.37 -21.64
C TYR B 210 11.61 -15.58 -23.06
N MET B 211 10.96 -16.47 -23.82
CA MET B 211 11.43 -16.80 -25.19
C MET B 211 11.37 -15.60 -26.14
N LEU B 212 10.28 -14.86 -26.11
CA LEU B 212 10.10 -13.69 -26.94
C LEU B 212 11.06 -12.56 -26.55
N LYS B 213 11.25 -12.35 -25.26
CA LYS B 213 12.18 -11.33 -24.79
C LYS B 213 13.60 -11.60 -25.27
N LYS B 214 13.98 -12.86 -25.27
CA LYS B 214 15.31 -13.29 -25.70
C LYS B 214 15.60 -12.97 -27.19
N LEU B 215 14.56 -12.84 -28.03
CA LEU B 215 14.76 -12.46 -29.45
C LEU B 215 15.21 -11.00 -29.64
N GLN B 216 15.04 -10.16 -28.62
CA GLN B 216 15.47 -8.74 -28.67
C GLN B 216 14.89 -7.99 -29.89
N LEU B 217 13.57 -8.02 -30.00
CA LEU B 217 12.89 -7.43 -31.12
C LEU B 217 12.89 -5.92 -31.05
N HIS B 218 12.89 -5.31 -32.23
CA HIS B 218 12.67 -3.88 -32.38
C HIS B 218 11.19 -3.59 -32.16
N GLU B 219 10.89 -2.33 -31.85
CA GLU B 219 9.49 -1.83 -31.79
C GLU B 219 8.71 -2.19 -33.06
N GLU B 220 9.36 -2.04 -34.23
CA GLU B 220 8.75 -2.30 -35.54
C GLU B 220 8.35 -3.75 -35.69
N GLU B 221 9.18 -4.64 -35.19
CA GLU B 221 8.87 -6.06 -35.27
C GLU B 221 7.71 -6.41 -34.33
N TYR B 222 7.69 -5.87 -33.10
CA TYR B 222 6.52 -6.08 -32.20
C TYR B 222 5.20 -5.61 -32.81
N VAL B 223 5.21 -4.43 -33.43
CA VAL B 223 3.98 -3.87 -33.98
C VAL B 223 3.52 -4.61 -35.24
N LEU B 224 4.45 -5.15 -36.01
CA LEU B 224 4.09 -6.02 -37.13
C LEU B 224 3.51 -7.35 -36.59
N MET B 225 4.05 -7.88 -35.50
CA MET B 225 3.46 -9.05 -34.84
C MET B 225 2.05 -8.76 -34.40
N GLN B 226 1.83 -7.59 -33.79
CA GLN B 226 0.46 -7.17 -33.43
C GLN B 226 -0.46 -7.13 -34.64
N ALA B 227 0.02 -6.57 -35.75
CA ALA B 227 -0.78 -6.51 -36.97
C ALA B 227 -1.13 -7.91 -37.50
N ILE B 228 -0.13 -8.80 -37.53
CA ILE B 228 -0.32 -10.14 -38.06
C ILE B 228 -1.37 -10.90 -37.24
N SER B 229 -1.32 -10.76 -35.91
CA SER B 229 -2.28 -11.38 -35.01
C SER B 229 -3.69 -10.81 -35.17
N LEU B 230 -3.79 -9.49 -35.25
CA LEU B 230 -5.07 -8.79 -35.38
C LEU B 230 -5.80 -9.20 -36.64
N PHE B 231 -5.07 -9.18 -37.75
CA PHE B 231 -5.64 -9.50 -39.05
C PHE B 231 -5.57 -11.02 -39.31
N SER B 232 -6.18 -11.81 -38.46
CA SER B 232 -6.20 -13.26 -38.62
C SER B 232 -7.52 -13.63 -39.28
N PRO B 233 -7.47 -14.19 -40.49
CA PRO B 233 -8.71 -14.42 -41.28
C PRO B 233 -9.56 -15.59 -40.79
N ASP B 234 -9.00 -16.45 -39.95
CA ASP B 234 -9.62 -17.69 -39.49
C ASP B 234 -10.19 -17.58 -38.07
N ARG B 235 -10.39 -16.36 -37.54
CA ARG B 235 -11.06 -16.18 -36.24
C ARG B 235 -12.56 -16.46 -36.41
N PRO B 236 -13.23 -16.96 -35.35
CA PRO B 236 -14.67 -17.22 -35.46
C PRO B 236 -15.45 -15.96 -35.85
N GLY B 237 -16.33 -16.11 -36.85
CA GLY B 237 -17.28 -15.08 -37.23
C GLY B 237 -16.82 -14.13 -38.32
N VAL B 238 -15.56 -14.23 -38.74
CA VAL B 238 -15.03 -13.32 -39.75
C VAL B 238 -15.71 -13.62 -41.09
N LEU B 239 -16.24 -12.58 -41.72
CA LEU B 239 -16.90 -12.70 -43.03
C LEU B 239 -15.95 -12.40 -44.18
N GLN B 240 -15.25 -11.26 -44.13
CA GLN B 240 -14.30 -10.87 -45.17
C GLN B 240 -12.95 -11.60 -45.03
N HIS B 241 -13.01 -12.94 -44.90
CA HIS B 241 -11.82 -13.77 -44.74
CA HIS B 241 -11.85 -13.83 -44.80
C HIS B 241 -10.75 -13.48 -45.81
N ARG B 242 -11.16 -13.32 -47.05
CA ARG B 242 -10.20 -13.20 -48.16
C ARG B 242 -9.45 -11.89 -48.06
N VAL B 243 -10.17 -10.80 -47.76
CA VAL B 243 -9.54 -9.50 -47.56
C VAL B 243 -8.59 -9.53 -46.35
N VAL B 244 -9.01 -10.16 -45.25
CA VAL B 244 -8.19 -10.20 -44.05
C VAL B 244 -6.91 -11.02 -44.30
N ASP B 245 -7.07 -12.14 -45.01
CA ASP B 245 -5.96 -13.01 -45.43
C ASP B 245 -4.92 -12.27 -46.24
N GLN B 246 -5.39 -11.51 -47.23
CA GLN B 246 -4.51 -10.68 -48.06
C GLN B 246 -3.75 -9.67 -47.21
N LEU B 247 -4.47 -8.98 -46.33
CA LEU B 247 -3.84 -8.03 -45.40
C LEU B 247 -2.79 -8.70 -44.52
N GLN B 248 -3.13 -9.85 -43.95
CA GLN B 248 -2.19 -10.58 -43.10
C GLN B 248 -0.92 -10.90 -43.86
N GLU B 249 -1.10 -11.40 -45.09
CA GLU B 249 0.03 -11.77 -45.92
C GLU B 249 0.96 -10.56 -46.13
N GLN B 250 0.38 -9.40 -46.48
CA GLN B 250 1.19 -8.20 -46.67
C GLN B 250 1.94 -7.75 -45.41
N PHE B 251 1.30 -7.85 -44.24
CA PHE B 251 2.01 -7.54 -42.98
C PHE B 251 3.18 -8.52 -42.74
N ALA B 252 2.96 -9.80 -43.06
CA ALA B 252 4.02 -10.80 -42.95
C ALA B 252 5.19 -10.52 -43.92
N ILE B 253 4.86 -10.18 -45.16
CA ILE B 253 5.89 -9.84 -46.15
C ILE B 253 6.71 -8.61 -45.70
N THR B 254 6.01 -7.62 -45.15
CA THR B 254 6.66 -6.42 -44.65
C THR B 254 7.61 -6.72 -43.49
N LEU B 255 7.21 -7.62 -42.60
CA LEU B 255 8.06 -8.06 -41.49
C LEU B 255 9.32 -8.77 -42.00
N LYS B 256 9.13 -9.68 -42.96
CA LYS B 256 10.23 -10.42 -43.55
C LYS B 256 11.27 -9.49 -44.17
N SER B 257 10.80 -8.54 -44.98
CA SER B 257 11.67 -7.51 -45.59
C SER B 257 12.35 -6.62 -44.56
N TYR B 258 11.58 -6.15 -43.56
CA TYR B 258 12.15 -5.36 -42.47
C TYR B 258 13.36 -6.07 -41.87
N ILE B 259 13.18 -7.35 -41.56
CA ILE B 259 14.24 -8.15 -40.98
C ILE B 259 15.44 -8.26 -41.94
N GLU B 260 15.18 -8.54 -43.20
CA GLU B 260 16.29 -8.67 -44.19
C GLU B 260 17.08 -7.40 -44.43
N CYS B 261 16.45 -6.23 -44.27
CA CYS B 261 17.15 -4.95 -44.38
C CYS B 261 17.95 -4.52 -43.13
N ASN B 262 17.50 -4.86 -41.92
CA ASN B 262 18.11 -4.37 -40.67
C ASN B 262 18.84 -5.38 -39.77
N ARG B 263 19.01 -6.64 -40.21
CA ARG B 263 19.39 -7.75 -39.27
C ARG B 263 20.51 -8.73 -39.71
N PRO B 264 21.67 -8.21 -40.15
CA PRO B 264 22.67 -9.14 -40.74
C PRO B 264 23.35 -10.18 -39.79
N GLN B 265 23.18 -10.02 -38.48
CA GLN B 265 23.97 -10.81 -37.52
C GLN B 265 23.52 -12.27 -37.46
N PRO B 266 24.47 -13.24 -37.30
CA PRO B 266 24.14 -14.68 -37.12
C PRO B 266 23.08 -14.95 -36.01
N ALA B 267 23.11 -14.12 -34.96
CA ALA B 267 22.13 -14.18 -33.88
C ALA B 267 20.69 -14.15 -34.38
N HIS B 268 20.43 -13.43 -35.48
CA HIS B 268 19.10 -13.24 -36.06
C HIS B 268 18.84 -14.13 -37.28
N ARG B 269 19.65 -15.18 -37.45
CA ARG B 269 19.35 -16.19 -38.45
C ARG B 269 18.00 -16.81 -38.11
N PHE B 270 17.16 -16.89 -39.12
CA PHE B 270 15.81 -17.52 -39.03
C PHE B 270 14.82 -16.71 -38.18
N LEU B 271 15.14 -15.45 -37.90
CA LEU B 271 14.33 -14.63 -37.00
C LEU B 271 12.88 -14.50 -37.45
N PHE B 272 12.64 -14.26 -38.74
CA PHE B 272 11.25 -14.14 -39.22
C PHE B 272 10.47 -15.43 -38.92
N LEU B 273 11.06 -16.56 -39.24
CA LEU B 273 10.40 -17.83 -39.01
C LEU B 273 10.18 -18.09 -37.52
N LYS B 274 11.14 -17.68 -36.68
CA LYS B 274 10.96 -17.80 -35.23
C LYS B 274 9.80 -16.94 -34.77
N ILE B 275 9.68 -15.73 -35.30
CA ILE B 275 8.56 -14.85 -34.91
C ILE B 275 7.23 -15.51 -35.30
N MET B 276 7.12 -16.06 -36.51
CA MET B 276 5.87 -16.72 -36.95
C MET B 276 5.52 -17.95 -36.08
N ALA B 277 6.53 -18.70 -35.67
CA ALA B 277 6.30 -19.84 -34.78
C ALA B 277 5.81 -19.34 -33.40
N MET B 278 6.30 -18.19 -32.99
CA MET B 278 5.86 -17.61 -31.71
C MET B 278 4.43 -17.12 -31.79
N LEU B 279 4.02 -16.57 -32.93
CA LEU B 279 2.59 -16.20 -33.13
C LEU B 279 1.68 -17.41 -33.09
N THR B 280 2.14 -18.56 -33.59
CA THR B 280 1.35 -19.79 -33.53
C THR B 280 1.23 -20.30 -32.08
N GLU B 281 2.32 -20.27 -31.35
CA GLU B 281 2.33 -20.58 -29.93
C GLU B 281 1.42 -19.63 -29.13
N LEU B 282 1.50 -18.33 -29.42
CA LEU B 282 0.70 -17.36 -28.74
C LEU B 282 -0.80 -17.68 -28.93
N ARG B 283 -1.17 -18.12 -30.12
CA ARG B 283 -2.54 -18.53 -30.41
C ARG B 283 -3.01 -19.75 -29.59
N SER B 284 -2.12 -20.74 -29.44
CA SER B 284 -2.41 -21.88 -28.56
C SER B 284 -2.64 -21.43 -27.13
N ILE B 285 -1.76 -20.57 -26.65
CA ILE B 285 -1.84 -20.04 -25.28
C ILE B 285 -3.14 -19.22 -25.06
N ASN B 286 -3.55 -18.47 -26.08
CA ASN B 286 -4.80 -17.73 -26.03
C ASN B 286 -5.98 -18.68 -25.73
N ALA B 287 -6.00 -19.82 -26.41
CA ALA B 287 -7.06 -20.81 -26.25
C ALA B 287 -7.09 -21.40 -24.83
N GLN B 288 -5.92 -21.78 -24.31
CA GLN B 288 -5.77 -22.29 -22.92
C GLN B 288 -6.21 -21.22 -21.91
N HIS B 289 -5.87 -19.97 -22.16
CA HIS B 289 -6.19 -18.86 -21.25
C HIS B 289 -7.69 -18.55 -21.20
N THR B 290 -8.34 -18.60 -22.35
CA THR B 290 -9.78 -18.47 -22.40
C THR B 290 -10.45 -19.52 -21.50
N GLN B 291 -10.02 -20.77 -21.57
CA GLN B 291 -10.64 -21.83 -20.76
C GLN B 291 -10.38 -21.66 -19.27
N ARG B 292 -9.19 -21.20 -18.90
CA ARG B 292 -8.87 -20.90 -17.49
C ARG B 292 -9.79 -19.81 -16.94
N LEU B 293 -9.95 -18.75 -17.72
CA LEU B 293 -10.80 -17.62 -17.37
C LEU B 293 -12.25 -18.04 -17.18
N LEU B 294 -12.77 -18.86 -18.08
CA LEU B 294 -14.13 -19.40 -17.94
C LEU B 294 -14.30 -20.26 -16.69
N ARG B 295 -13.28 -21.04 -16.31
CA ARG B 295 -13.36 -21.86 -15.10
C ARG B 295 -13.34 -21.00 -13.83
N ILE B 296 -12.47 -19.99 -13.79
CA ILE B 296 -12.36 -19.12 -12.63
C ILE B 296 -13.66 -18.33 -12.48
N GLN B 297 -14.09 -17.69 -13.57
CA GLN B 297 -15.34 -16.92 -13.62
C GLN B 297 -16.53 -17.72 -13.08
N ASP B 298 -16.56 -19.00 -13.43
CA ASP B 298 -17.63 -19.89 -13.04
C ASP B 298 -17.78 -20.01 -11.51
N ILE B 299 -16.66 -20.12 -10.79
CA ILE B 299 -16.70 -20.26 -9.31
C ILE B 299 -16.44 -18.95 -8.53
N HIS B 300 -15.84 -17.94 -9.18
CA HIS B 300 -15.67 -16.65 -8.55
C HIS B 300 -15.80 -15.54 -9.61
N PRO B 301 -17.01 -14.97 -9.81
CA PRO B 301 -17.20 -13.96 -10.86
C PRO B 301 -16.34 -12.71 -10.67
N PHE B 302 -15.61 -12.32 -11.71
CA PHE B 302 -14.72 -11.16 -11.66
C PHE B 302 -14.57 -10.36 -12.96
N ALA B 303 -14.97 -10.92 -14.09
CA ALA B 303 -14.83 -10.22 -15.36
C ALA B 303 -15.58 -8.89 -15.39
N THR B 304 -14.93 -7.86 -15.91
CA THR B 304 -15.62 -6.59 -16.15
C THR B 304 -16.57 -6.72 -17.34
N PRO B 305 -17.55 -5.81 -17.48
CA PRO B 305 -18.41 -5.86 -18.66
C PRO B 305 -17.67 -5.93 -20.01
N LEU B 306 -16.60 -5.16 -20.22
CA LEU B 306 -15.87 -5.29 -21.49
C LEU B 306 -15.26 -6.69 -21.66
N MET B 307 -14.77 -7.27 -20.57
CA MET B 307 -14.19 -8.63 -20.60
C MET B 307 -15.24 -9.66 -20.92
N GLN B 308 -16.43 -9.50 -20.37
CA GLN B 308 -17.56 -10.39 -20.70
C GLN B 308 -17.85 -10.40 -22.20
N GLU B 309 -17.89 -9.22 -22.82
CA GLU B 309 -18.10 -9.11 -24.26
C GLU B 309 -17.00 -9.79 -25.06
N LEU B 310 -15.74 -9.52 -24.71
CA LEU B 310 -14.60 -10.07 -25.45
C LEU B 310 -14.51 -11.60 -25.36
N PHE B 311 -14.99 -12.21 -24.28
CA PHE B 311 -14.77 -13.63 -24.00
C PHE B 311 -16.01 -14.49 -24.07
N GLY B 312 -17.18 -13.90 -24.35
CA GLY B 312 -18.42 -14.67 -24.53
C GLY B 312 -19.12 -15.12 -23.24
N ILE B 313 -19.11 -14.24 -22.23
CA ILE B 313 -19.69 -14.53 -20.92
C ILE B 313 -21.06 -13.83 -20.81
N THR B 314 -22.04 -14.53 -20.22
CA THR B 314 -23.42 -14.05 -20.09
C THR B 314 -23.71 -13.52 -18.68
N HIS B 324 -33.67 -13.08 -32.51
CA HIS B 324 -32.37 -12.77 -33.08
C HIS B 324 -31.74 -11.58 -32.34
N SER B 325 -30.52 -11.76 -31.82
CA SER B 325 -29.68 -10.64 -31.34
C SER B 325 -28.33 -10.61 -32.10
N SER B 326 -28.00 -9.43 -32.62
CA SER B 326 -26.88 -9.29 -33.57
C SER B 326 -25.55 -9.15 -32.84
N LEU B 327 -24.45 -9.36 -33.57
CA LEU B 327 -23.09 -9.18 -33.01
C LEU B 327 -22.97 -7.83 -32.31
N THR B 328 -23.50 -6.77 -32.94
CA THR B 328 -23.48 -5.42 -32.33
C THR B 328 -24.27 -5.28 -31.01
N GLU B 329 -25.42 -5.94 -30.88
CA GLU B 329 -26.17 -5.87 -29.59
C GLU B 329 -25.58 -6.75 -28.47
N ARG B 330 -24.89 -7.83 -28.83
CA ARG B 330 -24.18 -8.66 -27.83
C ARG B 330 -22.82 -8.05 -27.42
N HIS B 331 -22.41 -6.96 -28.09
CA HIS B 331 -21.12 -6.33 -27.85
C HIS B 331 -21.27 -4.81 -27.87
N LYS B 332 -22.17 -4.29 -27.04
CA LYS B 332 -22.56 -2.87 -27.06
C LYS B 332 -21.39 -1.95 -26.73
N ILE B 333 -20.57 -2.37 -25.77
CA ILE B 333 -19.42 -1.58 -25.35
C ILE B 333 -18.43 -1.49 -26.51
N LEU B 334 -18.02 -2.65 -27.02
CA LEU B 334 -17.14 -2.71 -28.19
C LEU B 334 -17.62 -1.87 -29.35
N HIS B 335 -18.90 -2.00 -29.63
CA HIS B 335 -19.56 -1.29 -30.71
C HIS B 335 -19.44 0.25 -30.47
N ARG B 336 -19.75 0.69 -29.25
CA ARG B 336 -19.60 2.11 -28.90
C ARG B 336 -18.14 2.53 -29.07
N LEU B 337 -17.23 1.78 -28.48
CA LEU B 337 -15.82 2.14 -28.54
C LEU B 337 -15.31 2.22 -29.98
N LEU B 338 -15.81 1.36 -30.86
CA LEU B 338 -15.39 1.37 -32.27
C LEU B 338 -15.97 2.53 -33.08
N GLN B 339 -17.14 3.03 -32.69
CA GLN B 339 -17.70 4.20 -33.36
C GLN B 339 -17.11 5.52 -32.82
N GLU B 340 -16.65 5.51 -31.60
CA GLU B 340 -16.01 6.69 -31.01
C GLU B 340 -14.73 7.09 -31.73
N GLY B 341 -14.47 8.39 -31.81
CA GLY B 341 -13.28 8.92 -32.45
C GLY B 341 -12.07 8.75 -31.56
N SER B 342 -10.90 8.67 -32.21
CA SER B 342 -9.59 8.67 -31.51
C SER B 342 -9.17 10.10 -31.14
N PRO B 343 -8.71 10.33 -29.89
CA PRO B 343 -8.39 11.70 -29.47
C PRO B 343 -7.04 12.18 -30.02
C1 GOL C . 18.33 6.07 33.31
O1 GOL C . 18.60 4.70 32.98
C2 GOL C . 19.59 6.87 33.65
O2 GOL C . 19.62 8.08 32.87
C3 GOL C . 20.91 6.12 33.39
O3 GOL C . 22.04 6.95 33.68
S DMS D . 5.57 -5.74 29.25
O DMS D . 6.90 -5.49 28.68
C1 DMS D . 4.50 -6.16 27.99
C2 DMS D . 5.68 -7.24 30.08
S DMS E . -9.98 -2.57 25.42
O DMS E . -9.93 -3.36 24.16
C1 DMS E . -11.19 -1.39 25.26
C2 DMS E . -10.60 -3.57 26.66
S DMS F . 8.99 14.60 38.28
O DMS F . 8.27 15.12 37.09
C1 DMS F . 8.84 15.69 39.59
C2 DMS F . 8.14 13.26 38.89
C1 GRH G . -4.62 -12.28 -18.35
C2 GRH G . -3.87 -11.28 -18.96
C3 GRH G . -2.50 -11.20 -18.72
C11 GRH G . 2.25 -13.78 -16.25
C12 GRH G . 1.49 -11.30 -16.33
C13 GRH G . 1.73 -10.07 -16.98
C14 GRH G . 1.51 -8.87 -16.33
C15 GRH G . 1.03 -8.87 -15.02
C16 GRH G . 0.74 -10.08 -14.37
C17 GRH G . 0.96 -11.29 -15.03
C23 GRH G . -6.54 -12.63 -17.31
C24 GRH G . -6.57 -13.95 -16.84
C25 GRH G . -7.10 -14.26 -15.62
C26 GRH G . -7.61 -13.24 -14.80
C27 GRH G . -7.57 -11.92 -15.26
C28 GRH G . -7.04 -11.60 -16.51
CL1 GRH G . -7.05 -15.93 -15.19
O22 GRH G . -5.97 -12.39 -18.53
S18 GRH G . -4.58 -10.09 -20.02
O20 GRH G . -4.32 -10.44 -21.46
O21 GRH G . -3.99 -8.75 -19.70
N19 GRH G . -6.13 -10.03 -19.76
C6 GRH G . -3.97 -13.20 -17.52
C5 GRH G . -2.62 -13.13 -17.27
C4 GRH G . -1.88 -12.15 -17.92
N7 GRH G . -0.59 -12.02 -17.69
C8 GRH G . 0.28 -13.03 -17.55
O9 GRH G . 0.03 -14.23 -17.71
C10 GRH G . 1.68 -12.62 -17.11
S DMS H . 11.90 -2.39 -26.74
O DMS H . 12.75 -3.42 -26.14
C1 DMS H . 10.72 -3.14 -27.72
C2 DMS H . 10.90 -1.66 -25.56
S DMS I . -3.83 0.38 0.18
O DMS I . -4.98 1.14 0.67
C1 DMS I . -2.98 1.32 -0.97
C2 DMS I . -2.68 0.25 1.43
#